data_4OBQ
#
_entry.id   4OBQ
#
_cell.length_a   80.228
_cell.length_b   86.911
_cell.length_c   91.499
_cell.angle_alpha   90.000
_cell.angle_beta   90.000
_cell.angle_gamma   90.000
#
_symmetry.space_group_name_H-M   'P 21 21 21'
#
loop_
_entity.id
_entity.type
_entity.pdbx_description
1 polymer 'Mitogen-activated protein kinase kinase kinase kinase 4'
2 non-polymer '2-(N-MORPHOLINO)-ETHANESULFONIC ACID'
3 non-polymer 'MAGNESIUM ION'
4 non-polymer N-[3-(4-aminoquinazolin-6-yl)-5-fluorophenyl]-2-(pyrrolidin-1-yl)acetamide
5 water water
#
_entity_poly.entity_id   1
_entity_poly.type   'polypeptide(L)'
_entity_poly.pdbx_seq_one_letter_code
;GSANDSPAKSLVDIDLSSLRDPAGIFELVEVVGNGTYGQVYKGRHVKTGQLAAIKVMDVTEDEEEEIKLEINMLKKYSHH
RNIATYYGAFIKKSPPGHDDQLWLVMEFCGAGSITDLVKNTKGNTLKEDWIAYISREILRGLAHLHIHHVIHRDIKGQNV
LLTENAEVKLVDFGVSAQLDRTVGRRNTFIGTPYWMAPEVIACDENPDATYDYRSDLWSCGITAIEMAEGAPPLCDMHPM
RALFLIPRNPPPRLKSKKWSKKFFSFIEGCLVKNYMQRPSTEQLLKHPFIRDQPNERQVRIQLKDHIDRTRKKRGEKDET
EYEYSGSEEGNS
;
_entity_poly.pdbx_strand_id   A,B
#
# COMPACT_ATOMS: atom_id res chain seq x y z
N SER A 17 -6.25 7.46 -28.11
CA SER A 17 -7.06 6.41 -28.73
C SER A 17 -6.27 5.46 -29.67
N SER A 18 -5.16 5.97 -30.27
CA SER A 18 -4.30 5.25 -31.21
C SER A 18 -3.30 4.26 -30.53
N LEU A 19 -3.56 3.88 -29.25
CA LEU A 19 -2.71 2.92 -28.53
C LEU A 19 -3.00 1.52 -28.99
N ARG A 20 -1.95 0.79 -29.40
CA ARG A 20 -2.11 -0.57 -29.91
C ARG A 20 -2.01 -1.63 -28.80
N ASP A 21 -2.33 -2.87 -29.16
CA ASP A 21 -2.31 -4.01 -28.26
C ASP A 21 -0.84 -4.42 -28.08
N PRO A 22 -0.41 -4.82 -26.86
CA PRO A 22 1.01 -5.16 -26.69
C PRO A 22 1.45 -6.51 -27.22
N ALA A 23 0.51 -7.41 -27.59
CA ALA A 23 0.79 -8.76 -28.10
C ALA A 23 1.75 -8.77 -29.28
N GLY A 24 2.82 -9.58 -29.16
CA GLY A 24 3.88 -9.67 -30.16
C GLY A 24 4.88 -8.53 -30.09
N ILE A 25 4.67 -7.57 -29.15
CA ILE A 25 5.56 -6.42 -28.97
C ILE A 25 6.19 -6.51 -27.59
N PHE A 26 5.37 -6.62 -26.54
CA PHE A 26 5.90 -6.78 -25.19
C PHE A 26 5.15 -7.85 -24.51
N GLU A 27 5.88 -8.63 -23.70
CA GLU A 27 5.34 -9.72 -22.91
C GLU A 27 5.72 -9.53 -21.46
N LEU A 28 4.80 -9.85 -20.54
CA LEU A 28 5.11 -9.75 -19.13
C LEU A 28 5.88 -10.99 -18.74
N VAL A 29 6.96 -10.83 -17.96
CA VAL A 29 7.75 -11.97 -17.48
C VAL A 29 7.28 -12.28 -16.05
N GLU A 30 7.48 -11.33 -15.09
CA GLU A 30 7.16 -11.49 -13.67
C GLU A 30 6.99 -10.14 -12.96
N VAL A 31 6.39 -10.16 -11.75
CA VAL A 31 6.19 -8.94 -10.95
C VAL A 31 7.53 -8.48 -10.39
N VAL A 32 7.76 -7.16 -10.47
CA VAL A 32 8.97 -6.54 -9.96
C VAL A 32 8.55 -5.46 -8.92
N GLY A 33 9.00 -5.56 -7.67
CA GLY A 33 9.87 -6.59 -7.12
C GLY A 33 9.17 -7.24 -5.95
N ASN A 34 8.09 -7.98 -6.26
CA ASN A 34 7.23 -8.72 -5.33
C ASN A 34 6.36 -7.79 -4.41
N GLY A 35 5.54 -6.95 -5.05
CA GLY A 35 4.55 -6.09 -4.40
C GLY A 35 4.88 -4.66 -4.03
N THR A 36 6.18 -4.35 -3.80
CA THR A 36 6.67 -3.03 -3.37
C THR A 36 6.26 -1.87 -4.33
N TYR A 37 6.09 -2.14 -5.63
CA TYR A 37 5.71 -1.10 -6.60
C TYR A 37 4.27 -1.27 -7.09
N GLY A 38 3.62 -2.33 -6.64
CA GLY A 38 2.27 -2.66 -7.09
C GLY A 38 2.34 -3.47 -8.38
N GLN A 39 1.53 -3.11 -9.38
CA GLN A 39 1.46 -3.84 -10.64
C GLN A 39 2.54 -3.38 -11.66
N VAL A 40 3.80 -3.66 -11.32
CA VAL A 40 4.93 -3.32 -12.18
C VAL A 40 5.62 -4.63 -12.50
N TYR A 41 5.87 -4.86 -13.79
CA TYR A 41 6.45 -6.12 -14.23
C TYR A 41 7.75 -5.97 -14.98
N LYS A 42 8.62 -6.98 -14.88
CA LYS A 42 9.78 -7.11 -15.74
C LYS A 42 9.15 -7.68 -17.01
N GLY A 43 9.15 -6.88 -18.06
CA GLY A 43 8.66 -7.23 -19.38
C GLY A 43 9.80 -7.51 -20.32
N ARG A 44 9.49 -7.95 -21.53
CA ARG A 44 10.52 -8.26 -22.52
C ARG A 44 10.01 -7.82 -23.87
N HIS A 45 10.84 -7.13 -24.64
CA HIS A 45 10.54 -6.71 -26.00
C HIS A 45 10.65 -8.03 -26.79
N VAL A 46 9.54 -8.53 -27.34
CA VAL A 46 9.48 -9.83 -28.02
C VAL A 46 10.55 -9.99 -29.12
N LYS A 47 10.64 -9.05 -30.08
CA LYS A 47 11.54 -9.15 -31.23
C LYS A 47 13.03 -9.15 -30.91
N THR A 48 13.47 -8.37 -29.87
CA THR A 48 14.89 -8.26 -29.49
C THR A 48 15.29 -9.07 -28.25
N GLY A 49 14.34 -9.35 -27.36
CA GLY A 49 14.63 -10.01 -26.09
C GLY A 49 15.06 -9.01 -25.02
N GLN A 50 15.11 -7.71 -25.37
CA GLN A 50 15.50 -6.64 -24.46
C GLN A 50 14.47 -6.48 -23.32
N LEU A 51 14.95 -6.44 -22.09
CA LEU A 51 14.09 -6.27 -20.93
C LEU A 51 13.50 -4.85 -20.88
N ALA A 52 12.34 -4.73 -20.22
CA ALA A 52 11.67 -3.46 -20.00
C ALA A 52 10.84 -3.57 -18.74
N ALA A 53 10.56 -2.45 -18.08
CA ALA A 53 9.68 -2.44 -16.94
C ALA A 53 8.32 -2.00 -17.48
N ILE A 54 7.27 -2.69 -17.08
CA ILE A 54 5.92 -2.33 -17.56
C ILE A 54 4.97 -2.09 -16.38
N LYS A 55 4.39 -0.91 -16.35
CA LYS A 55 3.44 -0.50 -15.33
C LYS A 55 2.07 -0.85 -15.88
N VAL A 56 1.45 -1.89 -15.30
CA VAL A 56 0.13 -2.34 -15.73
C VAL A 56 -0.97 -1.73 -14.85
N MET A 57 -1.88 -0.99 -15.48
CA MET A 57 -2.98 -0.32 -14.80
C MET A 57 -4.32 -0.71 -15.38
N ASP A 58 -5.34 -0.82 -14.52
CA ASP A 58 -6.69 -1.13 -14.97
C ASP A 58 -7.38 0.17 -15.39
N VAL A 59 -7.85 0.21 -16.64
CA VAL A 59 -8.50 1.40 -17.21
C VAL A 59 -9.94 1.11 -17.65
N GLU A 70 -1.69 11.40 -18.07
CA GLU A 70 -0.54 11.10 -17.21
C GLU A 70 0.49 10.15 -17.91
N ILE A 71 0.60 10.30 -19.23
CA ILE A 71 1.51 9.50 -20.06
C ILE A 71 2.60 10.42 -20.58
N ASN A 72 2.20 11.62 -21.05
CA ASN A 72 3.10 12.66 -21.57
C ASN A 72 4.04 13.22 -20.49
N MET A 73 3.73 12.93 -19.22
CA MET A 73 4.54 13.29 -18.05
C MET A 73 5.79 12.39 -18.10
N LEU A 74 5.61 11.07 -18.26
CA LEU A 74 6.72 10.13 -18.38
C LEU A 74 7.39 10.26 -19.77
N LYS A 75 6.64 10.73 -20.81
CA LYS A 75 7.13 10.91 -22.18
C LYS A 75 8.29 11.88 -22.30
N LYS A 76 8.05 13.19 -22.07
CA LYS A 76 9.09 14.23 -22.24
C LYS A 76 9.98 14.47 -21.01
N TYR A 77 9.57 14.05 -19.81
CA TYR A 77 10.41 14.33 -18.64
C TYR A 77 11.40 13.19 -18.30
N SER A 78 11.36 12.07 -19.07
CA SER A 78 12.25 10.92 -18.85
C SER A 78 13.51 10.89 -19.71
N HIS A 79 13.69 11.91 -20.57
CA HIS A 79 14.86 12.03 -21.44
C HIS A 79 16.00 12.71 -20.70
N HIS A 80 16.64 11.92 -19.83
CA HIS A 80 17.77 12.30 -19.00
C HIS A 80 18.34 10.99 -18.53
N ARG A 81 19.66 10.86 -18.53
CA ARG A 81 20.34 9.63 -18.11
C ARG A 81 20.03 9.18 -16.67
N ASN A 82 19.56 10.09 -15.79
CA ASN A 82 19.26 9.69 -14.40
C ASN A 82 17.78 9.45 -14.13
N ILE A 83 16.98 9.32 -15.20
CA ILE A 83 15.57 9.00 -15.14
C ILE A 83 15.30 7.79 -16.06
N ALA A 84 14.71 6.68 -15.57
CA ALA A 84 14.45 5.51 -16.46
C ALA A 84 13.59 5.95 -17.65
N THR A 85 14.12 5.74 -18.88
CA THR A 85 13.54 6.19 -20.16
C THR A 85 12.18 5.57 -20.47
N TYR A 86 11.24 6.39 -20.96
CA TYR A 86 9.91 5.95 -21.39
C TYR A 86 10.03 5.36 -22.81
N TYR A 87 9.48 4.17 -23.01
CA TYR A 87 9.49 3.51 -24.31
C TYR A 87 8.15 3.81 -25.02
N GLY A 88 7.05 3.41 -24.38
CA GLY A 88 5.71 3.63 -24.93
C GLY A 88 4.56 3.18 -24.06
N ALA A 89 3.34 3.32 -24.59
CA ALA A 89 2.07 2.98 -23.95
C ALA A 89 1.30 2.02 -24.84
N PHE A 90 0.62 1.06 -24.22
CA PHE A 90 -0.16 0.02 -24.90
C PHE A 90 -1.44 -0.25 -24.15
N ILE A 91 -2.48 -0.76 -24.83
CA ILE A 91 -3.73 -1.14 -24.17
C ILE A 91 -4.11 -2.57 -24.55
N LYS A 92 -4.00 -3.49 -23.56
CA LYS A 92 -4.35 -4.91 -23.68
C LYS A 92 -5.86 -4.96 -23.46
N LYS A 93 -6.60 -5.11 -24.57
CA LYS A 93 -8.06 -5.10 -24.56
C LYS A 93 -8.66 -6.38 -23.98
N SER A 94 -9.60 -6.21 -23.04
CA SER A 94 -10.34 -7.26 -22.35
C SER A 94 -11.73 -7.42 -23.02
N PRO A 95 -12.48 -8.54 -22.81
CA PRO A 95 -13.82 -8.67 -23.44
C PRO A 95 -14.77 -7.49 -23.15
N PRO A 96 -15.73 -7.15 -24.06
CA PRO A 96 -16.63 -5.99 -23.82
C PRO A 96 -17.24 -5.93 -22.42
N GLY A 97 -17.18 -4.75 -21.80
CA GLY A 97 -17.68 -4.53 -20.45
C GLY A 97 -16.59 -4.66 -19.40
N HIS A 98 -15.69 -5.66 -19.57
CA HIS A 98 -14.54 -5.95 -18.70
C HIS A 98 -13.45 -4.88 -18.90
N ASP A 99 -12.91 -4.35 -17.78
CA ASP A 99 -11.88 -3.31 -17.73
C ASP A 99 -10.60 -3.68 -18.47
N ASP A 100 -10.19 -2.79 -19.41
CA ASP A 100 -8.99 -2.92 -20.23
C ASP A 100 -7.70 -2.73 -19.39
N GLN A 101 -6.54 -3.03 -19.99
CA GLN A 101 -5.26 -2.88 -19.30
C GLN A 101 -4.32 -1.91 -19.99
N LEU A 102 -3.96 -0.81 -19.32
CA LEU A 102 -2.97 0.12 -19.83
C LEU A 102 -1.60 -0.38 -19.41
N TRP A 103 -0.67 -0.42 -20.36
CA TRP A 103 0.70 -0.84 -20.16
C TRP A 103 1.59 0.34 -20.45
N LEU A 104 2.43 0.71 -19.49
CA LEU A 104 3.39 1.80 -19.67
C LEU A 104 4.73 1.16 -19.61
N VAL A 105 5.48 1.30 -20.69
CA VAL A 105 6.73 0.60 -20.86
C VAL A 105 7.86 1.55 -20.77
N MET A 106 8.85 1.14 -20.01
CA MET A 106 10.04 1.94 -19.83
C MET A 106 11.26 1.05 -19.73
N GLU A 107 12.42 1.68 -19.76
CA GLU A 107 13.75 1.13 -19.59
C GLU A 107 13.76 0.30 -18.30
N PHE A 108 14.32 -0.88 -18.40
CA PHE A 108 14.46 -1.75 -17.27
C PHE A 108 15.77 -1.45 -16.63
N CYS A 109 15.75 -1.40 -15.32
CA CYS A 109 16.95 -1.21 -14.55
C CYS A 109 17.12 -2.54 -13.80
N GLY A 110 18.01 -3.40 -14.30
CA GLY A 110 18.22 -4.77 -13.83
C GLY A 110 18.95 -5.06 -12.53
N ALA A 111 19.69 -4.09 -11.98
CA ALA A 111 20.47 -4.32 -10.77
C ALA A 111 19.78 -3.96 -9.45
N GLY A 112 18.47 -3.79 -9.48
CA GLY A 112 17.68 -3.51 -8.30
C GLY A 112 17.78 -2.09 -7.78
N SER A 113 17.11 -1.86 -6.65
CA SER A 113 17.02 -0.55 -6.00
C SER A 113 18.19 -0.28 -5.05
N ILE A 114 18.34 1.00 -4.61
CA ILE A 114 19.43 1.26 -3.66
C ILE A 114 19.06 0.67 -2.26
N THR A 115 17.76 0.49 -1.93
CA THR A 115 17.31 -0.19 -0.71
C THR A 115 17.80 -1.66 -0.76
N ASP A 116 17.67 -2.32 -1.94
CA ASP A 116 18.17 -3.70 -2.15
C ASP A 116 19.69 -3.71 -1.94
N LEU A 117 20.41 -2.75 -2.56
CA LEU A 117 21.87 -2.60 -2.47
C LEU A 117 22.37 -2.55 -1.01
N VAL A 118 21.82 -1.67 -0.17
CA VAL A 118 22.24 -1.56 1.22
C VAL A 118 21.85 -2.80 2.02
N LYS A 119 20.68 -3.37 1.74
CA LYS A 119 20.23 -4.60 2.40
C LYS A 119 21.18 -5.76 2.07
N ASN A 120 21.67 -5.83 0.81
CA ASN A 120 22.54 -6.90 0.34
C ASN A 120 24.04 -6.65 0.60
N THR A 121 24.40 -5.54 1.28
CA THR A 121 25.79 -5.20 1.63
C THR A 121 26.05 -5.68 3.07
N LYS A 122 27.30 -6.12 3.37
CA LYS A 122 27.70 -6.55 4.71
C LYS A 122 27.65 -5.32 5.63
N GLY A 123 27.03 -5.46 6.79
CA GLY A 123 26.89 -4.39 7.77
C GLY A 123 25.78 -3.38 7.48
N ASN A 124 25.03 -3.58 6.36
CA ASN A 124 23.92 -2.71 5.90
C ASN A 124 24.30 -1.22 5.91
N THR A 125 25.43 -0.90 5.26
CA THR A 125 25.99 0.45 5.17
C THR A 125 26.83 0.53 3.92
N LEU A 126 26.76 1.66 3.22
CA LEU A 126 27.59 1.83 2.05
C LEU A 126 28.73 2.75 2.39
N LYS A 127 29.86 2.63 1.66
CA LYS A 127 31.05 3.50 1.76
C LYS A 127 30.60 4.91 1.42
N GLU A 128 31.14 5.90 2.11
CA GLU A 128 30.81 7.30 1.88
C GLU A 128 30.95 7.76 0.41
N ASP A 129 32.00 7.33 -0.29
CA ASP A 129 32.16 7.73 -1.70
C ASP A 129 31.10 7.08 -2.60
N TRP A 130 30.48 5.99 -2.14
CA TRP A 130 29.36 5.37 -2.87
C TRP A 130 28.14 6.24 -2.67
N ILE A 131 27.95 6.72 -1.42
CA ILE A 131 26.81 7.59 -1.07
C ILE A 131 26.92 8.88 -1.87
N ALA A 132 28.13 9.48 -1.95
CA ALA A 132 28.37 10.70 -2.71
C ALA A 132 28.01 10.54 -4.15
N TYR A 133 28.42 9.42 -4.76
CA TYR A 133 28.13 9.09 -6.14
C TYR A 133 26.65 8.93 -6.40
N ILE A 134 25.99 8.06 -5.62
CA ILE A 134 24.55 7.80 -5.78
C ILE A 134 23.74 9.08 -5.53
N SER A 135 24.08 9.84 -4.46
CA SER A 135 23.36 11.07 -4.15
C SER A 135 23.49 12.09 -5.27
N ARG A 136 24.67 12.17 -5.93
CA ARG A 136 24.82 13.12 -7.04
C ARG A 136 23.93 12.74 -8.22
N GLU A 137 23.85 11.44 -8.51
CA GLU A 137 23.01 10.96 -9.60
C GLU A 137 21.52 11.25 -9.31
N ILE A 138 21.07 11.02 -8.06
CA ILE A 138 19.70 11.36 -7.63
C ILE A 138 19.44 12.85 -7.89
N LEU A 139 20.34 13.71 -7.40
CA LEU A 139 20.23 15.15 -7.53
C LEU A 139 20.23 15.64 -8.97
N ARG A 140 21.00 15.01 -9.85
CA ARG A 140 21.04 15.37 -11.25
C ARG A 140 19.72 15.01 -11.93
N GLY A 141 19.14 13.86 -11.54
CA GLY A 141 17.83 13.45 -12.01
C GLY A 141 16.80 14.44 -11.50
N LEU A 142 16.90 14.82 -10.22
CA LEU A 142 15.96 15.80 -9.63
C LEU A 142 16.08 17.16 -10.26
N ALA A 143 17.30 17.62 -10.53
CA ALA A 143 17.54 18.90 -11.20
C ALA A 143 16.82 18.93 -12.53
N HIS A 144 16.86 17.82 -13.29
CA HIS A 144 16.17 17.73 -14.56
C HIS A 144 14.66 17.88 -14.37
N LEU A 145 14.10 17.19 -13.37
CA LEU A 145 12.67 17.28 -13.11
C LEU A 145 12.27 18.68 -12.66
N HIS A 146 13.04 19.26 -11.72
CA HIS A 146 12.73 20.58 -11.16
C HIS A 146 12.82 21.70 -12.18
N ILE A 147 13.77 21.60 -13.15
CA ILE A 147 13.91 22.63 -14.19
C ILE A 147 12.69 22.64 -15.13
N HIS A 148 11.97 21.51 -15.21
CA HIS A 148 10.77 21.33 -16.02
C HIS A 148 9.51 21.45 -15.18
N HIS A 149 9.63 22.01 -13.96
CA HIS A 149 8.53 22.28 -13.01
C HIS A 149 7.81 21.00 -12.55
N VAL A 150 8.58 19.92 -12.43
CA VAL A 150 8.07 18.65 -11.97
C VAL A 150 8.68 18.36 -10.62
N ILE A 151 7.85 17.94 -9.68
CA ILE A 151 8.27 17.50 -8.36
C ILE A 151 8.11 15.98 -8.42
N HIS A 152 9.13 15.24 -8.02
CA HIS A 152 9.08 13.78 -8.04
C HIS A 152 8.08 13.26 -7.01
N ARG A 153 8.13 13.80 -5.80
CA ARG A 153 7.21 13.50 -4.68
C ARG A 153 7.41 12.16 -4.00
N ASP A 154 8.20 11.24 -4.59
CA ASP A 154 8.38 9.96 -3.91
C ASP A 154 9.83 9.46 -3.99
N ILE A 155 10.77 10.31 -3.58
CA ILE A 155 12.18 9.94 -3.57
C ILE A 155 12.44 9.07 -2.34
N LYS A 156 13.02 7.90 -2.56
CA LYS A 156 13.39 6.93 -1.55
C LYS A 156 14.21 5.89 -2.20
N GLY A 157 14.96 5.12 -1.42
CA GLY A 157 15.85 4.09 -1.93
C GLY A 157 15.16 3.11 -2.83
N GLN A 158 13.87 2.84 -2.58
CA GLN A 158 13.09 1.91 -3.41
C GLN A 158 12.76 2.49 -4.80
N ASN A 159 12.82 3.83 -4.98
CA ASN A 159 12.55 4.46 -6.28
C ASN A 159 13.83 4.94 -6.99
N VAL A 160 14.97 4.53 -6.48
CA VAL A 160 16.27 4.86 -7.06
C VAL A 160 16.85 3.51 -7.48
N LEU A 161 16.94 3.30 -8.79
CA LEU A 161 17.38 2.02 -9.33
C LEU A 161 18.74 2.04 -9.96
N LEU A 162 19.39 0.88 -9.94
CA LEU A 162 20.70 0.68 -10.55
C LEU A 162 20.56 -0.18 -11.79
N THR A 163 21.37 0.11 -12.81
CA THR A 163 21.46 -0.72 -14.03
C THR A 163 22.67 -1.63 -13.79
N GLU A 164 22.93 -2.63 -14.67
CA GLU A 164 24.08 -3.55 -14.52
C GLU A 164 25.43 -2.81 -14.54
N ASN A 165 25.53 -1.70 -15.29
CA ASN A 165 26.77 -0.94 -15.36
C ASN A 165 26.80 0.23 -14.39
N ALA A 166 26.10 0.04 -13.24
CA ALA A 166 26.05 0.94 -12.11
C ALA A 166 25.58 2.36 -12.45
N GLU A 167 24.68 2.52 -13.43
CA GLU A 167 24.09 3.83 -13.70
C GLU A 167 22.91 3.95 -12.71
N VAL A 168 22.61 5.16 -12.24
CA VAL A 168 21.56 5.41 -11.26
C VAL A 168 20.39 6.11 -11.94
N LYS A 169 19.17 5.55 -11.77
CA LYS A 169 17.96 6.10 -12.40
C LYS A 169 16.78 6.22 -11.46
N LEU A 170 16.06 7.33 -11.60
CA LEU A 170 14.86 7.63 -10.81
C LEU A 170 13.66 7.01 -11.47
N VAL A 171 12.74 6.52 -10.66
CA VAL A 171 11.54 5.87 -11.13
C VAL A 171 10.34 6.39 -10.32
N ASP A 172 9.12 6.27 -10.88
CA ASP A 172 7.83 6.64 -10.29
C ASP A 172 7.68 8.11 -10.00
N PHE A 173 7.59 8.95 -11.03
CA PHE A 173 7.37 10.37 -10.79
C PHE A 173 6.02 10.80 -11.38
N GLY A 174 5.42 11.85 -10.77
CA GLY A 174 4.12 12.36 -11.20
C GLY A 174 3.25 12.97 -10.11
N VAL A 175 2.76 12.21 -9.09
CA VAL A 175 2.96 10.76 -8.79
C VAL A 175 2.38 9.84 -9.88
N ASN A 187 -3.79 5.84 -6.61
CA ASN A 187 -3.97 7.25 -6.25
C ASN A 187 -4.56 7.45 -4.85
N THR A 188 -5.17 6.41 -4.27
CA THR A 188 -5.89 6.49 -3.00
C THR A 188 -5.11 5.89 -1.83
N PHE A 189 -3.99 5.22 -2.11
CA PHE A 189 -3.14 4.60 -1.11
C PHE A 189 -1.99 5.51 -0.71
N ILE A 190 -1.76 5.67 0.60
CA ILE A 190 -0.65 6.46 1.11
C ILE A 190 0.41 5.39 1.31
N GLY A 191 1.54 5.59 0.67
CA GLY A 191 2.68 4.70 0.82
C GLY A 191 3.46 4.87 2.13
N THR A 192 4.75 4.64 2.05
CA THR A 192 5.61 4.70 3.22
C THR A 192 5.91 6.16 3.59
N PRO A 193 5.86 6.53 4.89
CA PRO A 193 6.04 7.95 5.24
C PRO A 193 7.47 8.41 5.57
N TYR A 194 8.39 7.49 5.77
CA TYR A 194 9.73 7.76 6.32
C TYR A 194 10.60 8.74 5.50
N TRP A 195 10.35 8.90 4.21
CA TRP A 195 11.12 9.80 3.37
C TRP A 195 10.40 11.10 3.13
N MET A 196 9.21 11.27 3.71
CA MET A 196 8.39 12.47 3.50
C MET A 196 8.94 13.66 4.26
N ALA A 197 8.98 14.83 3.61
CA ALA A 197 9.41 16.10 4.17
C ALA A 197 8.36 16.61 5.14
N PRO A 198 8.74 17.41 6.15
CA PRO A 198 7.72 17.93 7.09
C PRO A 198 6.56 18.69 6.46
N GLU A 199 6.85 19.58 5.47
CA GLU A 199 5.82 20.41 4.83
C GLU A 199 4.75 19.62 4.06
N VAL A 200 5.05 18.40 3.67
CA VAL A 200 4.14 17.53 2.89
C VAL A 200 3.13 16.81 3.85
N ILE A 201 3.30 16.93 5.16
CA ILE A 201 2.45 16.29 6.16
C ILE A 201 1.55 17.37 6.77
N ALA A 202 0.25 17.27 6.51
CA ALA A 202 -0.72 18.25 7.00
C ALA A 202 -0.91 18.15 8.49
N CYS A 203 -0.96 19.32 9.15
CA CYS A 203 -1.17 19.43 10.59
C CYS A 203 -1.82 20.77 10.90
N ASP A 204 -2.07 21.08 12.19
CA ASP A 204 -2.78 22.31 12.59
C ASP A 204 -2.19 23.59 11.98
N GLU A 205 -0.85 23.77 12.03
CA GLU A 205 -0.16 24.95 11.47
C GLU A 205 0.07 24.89 9.96
N ASN A 206 0.01 23.68 9.38
CA ASN A 206 0.21 23.43 7.95
C ASN A 206 -1.03 22.67 7.40
N PRO A 207 -2.26 23.29 7.35
CA PRO A 207 -3.46 22.55 6.90
C PRO A 207 -3.42 22.03 5.46
N ASP A 208 -2.72 22.76 4.58
CA ASP A 208 -2.57 22.37 3.18
C ASP A 208 -1.10 22.04 2.95
N ALA A 209 -0.80 20.75 2.78
CA ALA A 209 0.54 20.23 2.58
C ALA A 209 1.17 20.88 1.36
N THR A 210 2.22 21.67 1.57
CA THR A 210 2.89 22.44 0.52
C THR A 210 4.00 21.69 -0.17
N TYR A 211 3.65 20.79 -1.13
CA TYR A 211 4.66 20.10 -1.94
C TYR A 211 5.39 21.19 -2.77
N ASP A 212 6.72 21.24 -2.63
CA ASP A 212 7.62 22.19 -3.26
C ASP A 212 8.74 21.35 -3.80
N TYR A 213 9.52 21.84 -4.78
N TYR A 213 9.54 21.86 -4.76
CA TYR A 213 10.60 21.05 -5.34
CA TYR A 213 10.65 21.06 -5.31
C TYR A 213 11.60 20.64 -4.24
C TYR A 213 11.59 20.64 -4.21
N ARG A 214 11.76 21.51 -3.19
CA ARG A 214 12.66 21.27 -2.06
C ARG A 214 12.22 20.11 -1.17
N SER A 215 10.95 19.66 -1.27
CA SER A 215 10.50 18.46 -0.56
C SER A 215 11.29 17.24 -1.09
N ASP A 216 11.68 17.26 -2.38
CA ASP A 216 12.46 16.14 -2.92
C ASP A 216 13.86 16.09 -2.33
N LEU A 217 14.36 17.25 -1.88
CA LEU A 217 15.71 17.36 -1.32
C LEU A 217 15.75 16.80 0.06
N TRP A 218 14.69 17.00 0.84
CA TRP A 218 14.56 16.36 2.14
C TRP A 218 14.64 14.86 1.90
N SER A 219 13.83 14.32 0.96
CA SER A 219 13.81 12.89 0.64
C SER A 219 15.16 12.35 0.24
N CYS A 220 15.94 13.13 -0.55
CA CYS A 220 17.31 12.76 -0.91
C CYS A 220 18.25 12.64 0.35
N GLY A 221 18.08 13.52 1.35
CA GLY A 221 18.86 13.45 2.59
C GLY A 221 18.54 12.20 3.38
N ILE A 222 17.24 11.80 3.42
CA ILE A 222 16.78 10.59 4.09
C ILE A 222 17.32 9.38 3.35
N THR A 223 17.38 9.45 2.03
CA THR A 223 17.94 8.38 1.19
C THR A 223 19.45 8.21 1.48
N ALA A 224 20.16 9.31 1.77
CA ALA A 224 21.59 9.27 2.09
C ALA A 224 21.81 8.65 3.47
N ILE A 225 20.92 8.91 4.44
CA ILE A 225 20.91 8.29 5.77
C ILE A 225 20.62 6.81 5.61
N GLU A 226 19.63 6.47 4.78
CA GLU A 226 19.27 5.08 4.50
C GLU A 226 20.48 4.32 3.93
N MET A 227 21.25 4.92 3.02
CA MET A 227 22.45 4.28 2.45
C MET A 227 23.55 4.13 3.49
N ALA A 228 23.66 5.11 4.41
CA ALA A 228 24.66 5.12 5.46
C ALA A 228 24.38 4.15 6.61
N GLU A 229 23.10 3.90 6.95
CA GLU A 229 22.68 3.11 8.12
C GLU A 229 21.85 1.87 7.79
N GLY A 230 21.32 1.83 6.58
CA GLY A 230 20.53 0.70 6.09
C GLY A 230 19.04 0.86 6.27
N ALA A 231 18.63 1.96 6.90
CA ALA A 231 17.24 2.23 7.14
C ALA A 231 17.05 3.71 7.35
N PRO A 232 15.87 4.26 7.00
CA PRO A 232 15.63 5.69 7.24
C PRO A 232 15.48 5.98 8.74
N PRO A 233 15.59 7.25 9.19
CA PRO A 233 15.28 7.57 10.60
C PRO A 233 13.81 7.18 10.91
N LEU A 234 13.49 6.86 12.17
CA LEU A 234 12.13 6.47 12.60
C LEU A 234 11.63 5.13 12.01
N CYS A 235 12.51 4.33 11.39
CA CYS A 235 12.20 3.02 10.79
C CYS A 235 11.58 2.06 11.79
N ASP A 236 12.03 2.13 13.07
CA ASP A 236 11.54 1.29 14.17
C ASP A 236 10.15 1.70 14.68
N MET A 237 9.58 2.77 14.13
CA MET A 237 8.28 3.23 14.56
C MET A 237 7.17 2.86 13.63
N HIS A 238 5.95 2.87 14.14
CA HIS A 238 4.76 2.60 13.33
C HIS A 238 4.65 3.73 12.29
N PRO A 239 4.39 3.43 11.01
CA PRO A 239 4.30 4.51 9.99
C PRO A 239 3.41 5.70 10.38
N MET A 240 2.33 5.43 11.11
CA MET A 240 1.39 6.45 11.57
C MET A 240 2.03 7.32 12.65
N ARG A 241 2.86 6.71 13.52
CA ARG A 241 3.61 7.45 14.54
C ARG A 241 4.69 8.34 13.87
N ALA A 242 5.44 7.78 12.90
CA ALA A 242 6.47 8.49 12.14
C ALA A 242 5.88 9.71 11.42
N LEU A 243 4.67 9.55 10.87
CA LEU A 243 3.91 10.63 10.22
C LEU A 243 3.60 11.79 11.20
N PHE A 244 3.38 11.46 12.49
CA PHE A 244 3.16 12.46 13.54
C PHE A 244 4.50 13.12 13.95
N LEU A 245 5.58 12.32 14.00
CA LEU A 245 6.86 12.81 14.48
C LEU A 245 7.67 13.61 13.48
N ILE A 246 7.58 13.31 12.19
CA ILE A 246 8.40 14.03 11.21
C ILE A 246 8.25 15.57 11.32
N PRO A 247 7.04 16.16 11.34
CA PRO A 247 6.97 17.64 11.43
C PRO A 247 7.32 18.22 12.78
N ARG A 248 7.38 17.37 13.82
CA ARG A 248 7.68 17.74 15.22
C ARG A 248 9.16 17.55 15.61
N ASN A 249 9.78 16.47 15.13
CA ASN A 249 11.15 16.14 15.44
C ASN A 249 12.16 17.09 14.83
N PRO A 250 13.31 17.32 15.49
CA PRO A 250 14.35 18.15 14.87
C PRO A 250 14.85 17.40 13.63
N PRO A 251 15.67 18.01 12.74
CA PRO A 251 16.11 17.23 11.57
C PRO A 251 16.85 15.96 11.95
N PRO A 252 16.60 14.83 11.26
CA PRO A 252 17.36 13.61 11.58
C PRO A 252 18.88 13.79 11.40
N ARG A 253 19.66 13.01 12.13
CA ARG A 253 21.13 13.06 12.07
C ARG A 253 21.68 11.66 11.94
N LEU A 254 22.88 11.53 11.37
CA LEU A 254 23.57 10.23 11.29
C LEU A 254 23.93 9.82 12.74
N LYS A 255 23.77 8.53 13.08
CA LYS A 255 24.01 8.01 14.44
C LYS A 255 25.48 7.95 14.79
N SER A 256 26.33 7.55 13.82
CA SER A 256 27.76 7.38 14.01
C SER A 256 28.53 8.66 13.77
N LYS A 257 29.71 8.77 14.40
CA LYS A 257 30.64 9.91 14.29
C LYS A 257 31.75 9.63 13.26
N LYS A 258 31.77 8.41 12.69
CA LYS A 258 32.77 7.97 11.71
C LYS A 258 32.82 8.81 10.45
N TRP A 259 31.65 9.31 10.00
CA TRP A 259 31.45 10.02 8.75
C TRP A 259 32.24 11.30 8.65
N SER A 260 32.59 11.70 7.43
CA SER A 260 33.34 12.92 7.21
C SER A 260 32.47 14.15 7.53
N LYS A 261 33.12 15.29 7.78
CA LYS A 261 32.49 16.57 8.06
C LYS A 261 31.64 17.01 6.84
N LYS A 262 32.08 16.67 5.62
CA LYS A 262 31.36 17.00 4.37
C LYS A 262 30.04 16.25 4.32
N PHE A 263 30.05 14.95 4.69
CA PHE A 263 28.86 14.12 4.68
C PHE A 263 27.85 14.64 5.70
N PHE A 264 28.30 15.00 6.92
CA PHE A 264 27.41 15.59 7.94
C PHE A 264 26.81 16.87 7.42
N SER A 265 27.64 17.69 6.76
CA SER A 265 27.22 18.95 6.17
C SER A 265 26.16 18.74 5.07
N PHE A 266 26.33 17.71 4.22
CA PHE A 266 25.36 17.36 3.16
C PHE A 266 24.00 16.98 3.74
N ILE A 267 23.99 16.12 4.76
CA ILE A 267 22.77 15.66 5.45
C ILE A 267 22.05 16.86 6.02
N GLU A 268 22.80 17.76 6.71
CA GLU A 268 22.25 18.98 7.28
C GLU A 268 21.65 19.85 6.18
N GLY A 269 22.28 19.90 4.99
CA GLY A 269 21.79 20.65 3.84
C GLY A 269 20.47 20.11 3.33
N CYS A 270 20.38 18.78 3.09
CA CYS A 270 19.11 18.17 2.68
C CYS A 270 18.02 18.31 3.73
N LEU A 271 18.37 18.14 5.01
CA LEU A 271 17.38 18.05 6.08
C LEU A 271 17.14 19.33 6.85
N VAL A 272 17.02 20.46 6.14
CA VAL A 272 16.68 21.70 6.83
C VAL A 272 15.16 21.57 7.06
N LYS A 273 14.70 21.67 8.33
CA LYS A 273 13.27 21.48 8.69
C LYS A 273 12.34 22.36 7.95
N ASN A 274 12.64 23.67 7.93
CA ASN A 274 11.79 24.62 7.23
C ASN A 274 12.27 24.68 5.80
N TYR A 275 11.44 24.19 4.87
CA TYR A 275 11.83 24.14 3.45
C TYR A 275 12.22 25.53 2.88
N MET A 276 11.67 26.62 3.44
CA MET A 276 11.94 28.01 3.02
C MET A 276 13.43 28.33 3.10
N GLN A 277 14.18 27.66 3.99
CA GLN A 277 15.61 27.84 4.10
C GLN A 277 16.36 26.65 3.58
N ARG A 278 15.68 25.65 3.01
CA ARG A 278 16.37 24.46 2.48
C ARG A 278 17.06 24.85 1.16
N PRO A 279 18.29 24.40 0.88
CA PRO A 279 18.90 24.75 -0.41
C PRO A 279 18.14 24.15 -1.59
N SER A 280 18.38 24.73 -2.80
CA SER A 280 17.81 24.29 -4.06
C SER A 280 18.61 23.09 -4.50
N THR A 281 18.16 22.38 -5.55
CA THR A 281 18.87 21.20 -6.04
C THR A 281 20.24 21.61 -6.57
N GLU A 282 20.29 22.77 -7.25
CA GLU A 282 21.48 23.39 -7.82
C GLU A 282 22.52 23.68 -6.74
N GLN A 283 22.10 24.28 -5.60
CA GLN A 283 22.99 24.58 -4.47
C GLN A 283 23.57 23.31 -3.86
N LEU A 284 22.75 22.25 -3.77
CA LEU A 284 23.22 20.96 -3.22
C LEU A 284 24.12 20.24 -4.19
N LEU A 285 23.94 20.51 -5.50
CA LEU A 285 24.82 19.92 -6.51
C LEU A 285 26.24 20.52 -6.40
N LYS A 286 26.37 21.73 -5.82
CA LYS A 286 27.66 22.41 -5.60
C LYS A 286 28.22 22.09 -4.20
N HIS A 287 27.43 21.42 -3.33
CA HIS A 287 27.91 21.05 -2.01
C HIS A 287 29.20 20.22 -2.16
N PRO A 288 30.23 20.49 -1.32
CA PRO A 288 31.51 19.74 -1.45
C PRO A 288 31.39 18.23 -1.45
N PHE A 289 30.42 17.67 -0.67
CA PHE A 289 30.20 16.22 -0.62
C PHE A 289 29.79 15.67 -2.00
N ILE A 290 29.04 16.46 -2.77
CA ILE A 290 28.52 16.07 -4.08
C ILE A 290 29.47 16.48 -5.22
N ARG A 291 29.99 17.69 -5.15
CA ARG A 291 30.87 18.31 -6.15
C ARG A 291 32.25 17.64 -6.24
N ASP A 292 32.90 17.36 -5.09
CA ASP A 292 34.26 16.80 -4.98
C ASP A 292 34.27 15.29 -4.80
N GLN A 293 34.38 14.58 -5.92
CA GLN A 293 34.40 13.12 -5.94
C GLN A 293 35.64 12.59 -6.70
N PRO A 294 36.83 12.57 -6.02
CA PRO A 294 38.05 12.15 -6.72
C PRO A 294 38.10 10.69 -7.15
N ASN A 295 37.53 9.77 -6.34
CA ASN A 295 37.52 8.34 -6.63
C ASN A 295 36.27 7.87 -7.40
N GLU A 296 35.62 8.77 -8.15
CA GLU A 296 34.42 8.48 -8.93
C GLU A 296 34.56 7.24 -9.85
N ARG A 297 35.65 7.20 -10.67
CA ARG A 297 35.95 6.09 -11.57
C ARG A 297 36.01 4.75 -10.81
N GLN A 298 36.75 4.71 -9.68
CA GLN A 298 36.86 3.49 -8.87
C GLN A 298 35.53 3.09 -8.23
N VAL A 299 34.74 4.08 -7.75
CA VAL A 299 33.41 3.86 -7.14
C VAL A 299 32.53 3.13 -8.15
N ARG A 300 32.49 3.65 -9.40
CA ARG A 300 31.71 3.06 -10.48
C ARG A 300 32.09 1.59 -10.70
N ILE A 301 33.41 1.29 -10.69
CA ILE A 301 33.97 -0.08 -10.85
C ILE A 301 33.57 -0.95 -9.65
N GLN A 302 33.71 -0.40 -8.42
CA GLN A 302 33.35 -1.09 -7.18
C GLN A 302 31.86 -1.45 -7.15
N LEU A 303 31.02 -0.54 -7.69
CA LEU A 303 29.56 -0.74 -7.76
C LEU A 303 29.22 -1.81 -8.76
N LYS A 304 29.78 -1.72 -10.01
CA LYS A 304 29.61 -2.74 -11.06
C LYS A 304 29.94 -4.11 -10.43
N ASP A 305 31.13 -4.23 -9.80
CA ASP A 305 31.60 -5.46 -9.17
C ASP A 305 30.67 -5.96 -8.07
N HIS A 306 30.12 -5.04 -7.25
CA HIS A 306 29.16 -5.40 -6.19
C HIS A 306 27.86 -5.97 -6.77
N ILE A 307 27.32 -5.35 -7.83
CA ILE A 307 26.13 -5.76 -8.56
C ILE A 307 26.30 -7.19 -9.11
N ASP A 308 27.46 -7.47 -9.75
CA ASP A 308 27.81 -8.77 -10.32
C ASP A 308 27.85 -9.88 -9.27
N ARG A 309 28.55 -9.65 -8.13
CA ARG A 309 28.68 -10.59 -7.01
C ARG A 309 27.32 -10.90 -6.35
N THR A 310 26.40 -9.92 -6.36
CA THR A 310 25.06 -10.02 -5.76
C THR A 310 24.14 -10.88 -6.66
N ARG A 311 24.31 -10.77 -7.99
CA ARG A 311 23.56 -11.54 -8.99
C ARG A 311 23.83 -13.07 -8.84
N LYS A 312 25.11 -13.45 -8.57
CA LYS A 312 25.54 -14.85 -8.40
C LYS A 312 26.06 -15.14 -6.98
N ILE B 14 -5.51 -29.75 10.16
CA ILE B 14 -5.64 -28.29 10.20
C ILE B 14 -5.11 -27.75 11.55
N ASP B 15 -4.16 -26.79 11.49
CA ASP B 15 -3.56 -26.14 12.67
C ASP B 15 -3.27 -24.66 12.41
N LEU B 16 -3.72 -23.79 13.34
CA LEU B 16 -3.60 -22.34 13.25
C LEU B 16 -2.52 -21.76 14.20
N SER B 17 -1.82 -22.65 14.94
CA SER B 17 -0.72 -22.32 15.86
C SER B 17 0.62 -22.76 15.27
N SER B 18 0.58 -23.39 14.07
CA SER B 18 1.76 -23.92 13.37
C SER B 18 2.20 -23.06 12.17
N LEU B 19 3.31 -23.46 11.54
CA LEU B 19 3.90 -22.76 10.40
C LEU B 19 4.59 -23.78 9.48
N ARG B 20 3.81 -24.77 9.01
CA ARG B 20 4.26 -25.87 8.14
C ARG B 20 4.42 -25.46 6.69
N ASP B 21 5.07 -26.33 5.87
CA ASP B 21 5.18 -26.16 4.42
C ASP B 21 3.76 -26.50 3.89
N PRO B 22 3.26 -25.79 2.85
CA PRO B 22 1.90 -26.08 2.39
C PRO B 22 1.73 -27.35 1.54
N ALA B 23 2.84 -27.97 1.09
CA ALA B 23 2.83 -29.18 0.25
C ALA B 23 2.02 -30.32 0.85
N GLY B 24 1.11 -30.85 0.05
CA GLY B 24 0.19 -31.91 0.45
C GLY B 24 -1.01 -31.42 1.23
N ILE B 25 -1.06 -30.09 1.51
CA ILE B 25 -2.15 -29.49 2.27
C ILE B 25 -2.88 -28.50 1.35
N PHE B 26 -2.17 -27.54 0.77
CA PHE B 26 -2.78 -26.58 -0.15
C PHE B 26 -1.91 -26.40 -1.34
N GLU B 27 -2.51 -26.06 -2.46
CA GLU B 27 -1.77 -25.76 -3.67
C GLU B 27 -2.46 -24.64 -4.39
N LEU B 28 -1.71 -23.93 -5.19
CA LEU B 28 -2.23 -22.80 -5.96
C LEU B 28 -2.74 -23.29 -7.30
N VAL B 29 -3.85 -22.72 -7.82
CA VAL B 29 -4.38 -23.18 -9.11
C VAL B 29 -4.24 -22.08 -10.21
N GLU B 30 -4.48 -20.79 -9.86
CA GLU B 30 -4.40 -19.60 -10.74
C GLU B 30 -4.58 -18.32 -9.93
N VAL B 31 -4.27 -17.13 -10.52
CA VAL B 31 -4.44 -15.82 -9.86
C VAL B 31 -5.94 -15.53 -9.66
N GLY B 38 0.63 -8.59 -0.86
CA GLY B 38 0.78 -9.86 -1.57
C GLY B 38 -0.45 -10.23 -2.37
N GLN B 39 -0.22 -10.74 -3.59
CA GLN B 39 -1.25 -11.16 -4.55
C GLN B 39 -2.21 -12.21 -3.96
N VAL B 40 -3.50 -12.15 -4.32
CA VAL B 40 -4.51 -13.11 -3.88
C VAL B 40 -4.69 -14.16 -4.99
N TYR B 41 -4.56 -15.44 -4.62
CA TYR B 41 -4.63 -16.56 -5.54
C TYR B 41 -5.73 -17.54 -5.24
N LYS B 42 -6.28 -18.17 -6.29
CA LYS B 42 -7.25 -19.24 -6.16
C LYS B 42 -6.40 -20.48 -5.91
N GLY B 43 -6.83 -21.28 -4.94
CA GLY B 43 -6.13 -22.48 -4.53
C GLY B 43 -7.09 -23.54 -4.10
N ARG B 44 -6.57 -24.68 -3.63
CA ARG B 44 -7.43 -25.78 -3.19
C ARG B 44 -6.79 -26.63 -2.11
N HIS B 45 -7.63 -27.20 -1.24
CA HIS B 45 -7.19 -28.11 -0.20
C HIS B 45 -6.98 -29.44 -0.92
N VAL B 46 -5.73 -29.94 -0.93
CA VAL B 46 -5.35 -31.15 -1.67
C VAL B 46 -6.29 -32.35 -1.39
N LYS B 47 -6.47 -32.73 -0.12
CA LYS B 47 -7.28 -33.91 0.26
C LYS B 47 -8.78 -33.81 -0.03
N THR B 48 -9.39 -32.61 0.03
CA THR B 48 -10.83 -32.42 -0.19
C THR B 48 -11.20 -31.86 -1.56
N GLY B 49 -10.29 -31.09 -2.16
CA GLY B 49 -10.54 -30.40 -3.43
C GLY B 49 -11.26 -29.08 -3.22
N GLN B 50 -11.49 -28.69 -1.94
CA GLN B 50 -12.18 -27.46 -1.55
C GLN B 50 -11.38 -26.24 -2.00
N LEU B 51 -12.07 -25.30 -2.66
CA LEU B 51 -11.46 -24.06 -3.13
C LEU B 51 -11.08 -23.18 -1.95
N ALA B 52 -10.02 -22.38 -2.10
CA ALA B 52 -9.57 -21.50 -1.05
C ALA B 52 -8.86 -20.32 -1.63
N ALA B 53 -9.04 -19.13 -1.03
CA ALA B 53 -8.29 -17.95 -1.44
C ALA B 53 -6.99 -18.01 -0.65
N ILE B 54 -5.85 -17.86 -1.32
CA ILE B 54 -4.54 -17.92 -0.70
C ILE B 54 -3.82 -16.62 -0.97
N LYS B 55 -3.42 -15.92 0.10
CA LYS B 55 -2.62 -14.71 -0.01
C LYS B 55 -1.16 -15.16 0.05
N VAL B 56 -0.39 -14.88 -1.01
CA VAL B 56 1.03 -15.26 -1.11
C VAL B 56 1.90 -14.03 -1.01
N MET B 57 2.80 -14.02 -0.02
CA MET B 57 3.70 -12.90 0.24
C MET B 57 5.14 -13.37 0.31
N ASP B 58 6.06 -12.53 -0.18
CA ASP B 58 7.47 -12.81 -0.12
C ASP B 58 8.01 -12.36 1.24
N VAL B 59 8.61 -13.30 1.98
CA VAL B 59 9.14 -13.03 3.32
C VAL B 59 10.62 -13.32 3.43
N THR B 60 11.35 -12.46 4.13
CA THR B 60 12.77 -12.67 4.37
C THR B 60 12.91 -13.77 5.42
N GLU B 61 14.07 -14.46 5.45
CA GLU B 61 14.35 -15.52 6.42
C GLU B 61 14.39 -14.97 7.87
N ASP B 62 14.34 -13.62 8.01
CA ASP B 62 14.30 -12.85 9.26
C ASP B 62 12.83 -12.57 9.61
N GLU B 63 11.97 -12.40 8.58
CA GLU B 63 10.55 -12.14 8.78
C GLU B 63 9.81 -13.36 9.30
N GLU B 64 10.38 -14.57 9.07
CA GLU B 64 9.87 -15.87 9.52
C GLU B 64 9.80 -15.94 11.05
N GLU B 65 10.76 -15.27 11.74
CA GLU B 65 10.85 -15.21 13.19
C GLU B 65 9.77 -14.24 13.74
N GLU B 66 9.39 -13.24 12.93
CA GLU B 66 8.34 -12.27 13.26
C GLU B 66 6.96 -12.94 13.16
N ILE B 67 6.81 -13.89 12.20
CA ILE B 67 5.56 -14.63 11.98
C ILE B 67 5.28 -15.48 13.22
N LYS B 68 6.30 -16.20 13.73
CA LYS B 68 6.22 -17.09 14.88
C LYS B 68 5.67 -16.38 16.13
N LEU B 69 6.22 -15.18 16.41
CA LEU B 69 5.81 -14.32 17.51
C LEU B 69 4.35 -13.88 17.31
N GLU B 70 4.02 -13.43 16.09
CA GLU B 70 2.65 -13.03 15.76
C GLU B 70 1.68 -14.19 15.81
N ILE B 71 2.13 -15.40 15.53
CA ILE B 71 1.28 -16.59 15.64
C ILE B 71 0.97 -16.84 17.13
N ASN B 72 1.90 -16.53 18.04
CA ASN B 72 1.61 -16.71 19.47
C ASN B 72 0.60 -15.68 19.99
N MET B 73 0.47 -14.54 19.27
CA MET B 73 -0.41 -13.44 19.61
C MET B 73 -1.82 -13.68 19.11
N LEU B 74 -2.01 -14.68 18.27
CA LEU B 74 -3.31 -15.06 17.72
C LEU B 74 -4.30 -15.40 18.82
N LYS B 75 -5.52 -14.93 18.69
CA LYS B 75 -6.59 -15.23 19.62
C LYS B 75 -7.48 -16.21 18.90
N LYS B 76 -7.97 -17.24 19.58
CA LYS B 76 -8.77 -18.20 18.84
C LYS B 76 -10.29 -17.92 18.93
N TYR B 77 -10.96 -18.31 17.84
CA TYR B 77 -12.39 -18.17 17.63
C TYR B 77 -12.90 -19.14 16.60
N SER B 78 -14.13 -19.58 16.82
CA SER B 78 -14.83 -20.53 15.99
C SER B 78 -15.16 -19.98 14.60
N HIS B 79 -15.75 -20.85 13.80
CA HIS B 79 -16.26 -20.54 12.48
C HIS B 79 -17.53 -19.73 12.75
N HIS B 80 -17.91 -18.89 11.81
CA HIS B 80 -19.11 -18.06 11.88
C HIS B 80 -19.49 -17.83 10.46
N ARG B 81 -20.80 -17.87 10.14
CA ARG B 81 -21.35 -17.69 8.79
C ARG B 81 -21.02 -16.36 8.14
N ASN B 82 -20.63 -15.35 8.91
CA ASN B 82 -20.32 -14.06 8.32
C ASN B 82 -18.82 -13.77 8.24
N ILE B 83 -17.99 -14.79 8.47
CA ILE B 83 -16.54 -14.68 8.35
C ILE B 83 -16.02 -15.77 7.40
N ALA B 84 -15.31 -15.32 6.33
CA ALA B 84 -14.64 -16.18 5.36
C ALA B 84 -13.51 -16.79 6.19
N THR B 85 -13.73 -18.02 6.66
CA THR B 85 -12.87 -18.75 7.58
C THR B 85 -11.38 -18.66 7.25
N TYR B 86 -10.56 -18.36 8.26
CA TYR B 86 -9.12 -18.33 8.15
C TYR B 86 -8.63 -19.75 8.46
N TYR B 87 -8.01 -20.42 7.47
CA TYR B 87 -7.55 -21.81 7.63
C TYR B 87 -6.13 -21.95 8.18
N GLY B 88 -5.29 -20.95 7.99
CA GLY B 88 -3.95 -21.00 8.57
C GLY B 88 -2.88 -20.32 7.76
N ALA B 89 -1.70 -20.34 8.32
CA ALA B 89 -0.54 -19.74 7.71
C ALA B 89 0.41 -20.85 7.38
N PHE B 90 1.13 -20.70 6.27
CA PHE B 90 2.10 -21.68 5.79
C PHE B 90 3.30 -20.95 5.23
N ILE B 91 4.47 -21.60 5.24
CA ILE B 91 5.69 -21.02 4.65
C ILE B 91 6.29 -22.02 3.66
N LYS B 92 6.20 -21.70 2.35
CA LYS B 92 6.76 -22.47 1.24
C LYS B 92 8.22 -22.05 1.17
N LYS B 93 9.11 -22.92 1.68
CA LYS B 93 10.54 -22.64 1.76
C LYS B 93 11.25 -22.71 0.41
N SER B 94 12.03 -21.66 0.13
CA SER B 94 12.86 -21.50 -1.07
C SER B 94 14.32 -21.88 -0.71
N PRO B 95 15.23 -22.15 -1.69
CA PRO B 95 16.62 -22.51 -1.33
C PRO B 95 17.32 -21.50 -0.39
N PRO B 96 18.28 -21.92 0.49
CA PRO B 96 18.94 -20.96 1.39
C PRO B 96 19.41 -19.65 0.73
N GLY B 97 19.10 -18.53 1.37
CA GLY B 97 19.42 -17.19 0.87
C GLY B 97 18.26 -16.57 0.11
N HIS B 98 17.56 -17.40 -0.70
CA HIS B 98 16.40 -17.01 -1.52
C HIS B 98 15.16 -16.81 -0.62
N ASP B 99 14.44 -15.69 -0.83
CA ASP B 99 13.24 -15.30 -0.08
C ASP B 99 12.12 -16.34 -0.11
N ASP B 100 11.71 -16.81 1.08
CA ASP B 100 10.63 -17.79 1.23
C ASP B 100 9.25 -17.18 0.95
N GLN B 101 8.20 -18.02 0.94
CA GLN B 101 6.84 -17.59 0.65
C GLN B 101 5.84 -17.83 1.79
N LEU B 102 5.25 -16.76 2.32
CA LEU B 102 4.21 -16.87 3.32
C LEU B 102 2.88 -17.04 2.60
N TRP B 103 2.11 -18.03 3.02
CA TRP B 103 0.80 -18.33 2.47
C TRP B 103 -0.21 -18.14 3.60
N LEU B 104 -1.23 -17.34 3.34
CA LEU B 104 -2.30 -17.14 4.31
C LEU B 104 -3.52 -17.68 3.63
N VAL B 105 -4.09 -18.73 4.22
CA VAL B 105 -5.19 -19.44 3.59
C VAL B 105 -6.52 -19.13 4.24
N MET B 106 -7.52 -18.83 3.42
CA MET B 106 -8.87 -18.48 3.82
C MET B 106 -9.89 -19.09 2.85
N GLU B 107 -11.11 -19.37 3.34
CA GLU B 107 -12.32 -19.84 2.64
C GLU B 107 -12.64 -18.98 1.39
N PHE B 108 -13.11 -19.63 0.32
CA PHE B 108 -13.40 -19.01 -0.98
C PHE B 108 -14.82 -18.39 -1.10
N CYS B 109 -14.93 -17.15 -1.65
CA CYS B 109 -16.19 -16.38 -1.85
C CYS B 109 -16.19 -15.91 -3.31
N GLY B 110 -16.93 -16.63 -4.15
CA GLY B 110 -16.94 -16.46 -5.60
C GLY B 110 -17.69 -15.32 -6.25
N ALA B 111 -18.60 -14.64 -5.53
CA ALA B 111 -19.40 -13.57 -6.12
C ALA B 111 -18.82 -12.15 -5.97
N GLY B 112 -17.54 -12.05 -5.62
CA GLY B 112 -16.86 -10.76 -5.49
C GLY B 112 -17.19 -9.99 -4.23
N SER B 113 -16.66 -8.75 -4.15
CA SER B 113 -16.79 -7.86 -3.00
C SER B 113 -18.03 -6.98 -3.11
N ILE B 114 -18.38 -6.29 -1.99
CA ILE B 114 -19.50 -5.35 -2.01
C ILE B 114 -19.13 -4.13 -2.87
N THR B 115 -17.83 -3.71 -2.88
CA THR B 115 -17.34 -2.61 -3.73
C THR B 115 -17.61 -2.98 -5.20
N ASP B 116 -17.32 -4.25 -5.61
CA ASP B 116 -17.59 -4.76 -6.97
C ASP B 116 -19.09 -4.65 -7.25
N LEU B 117 -19.92 -5.14 -6.29
CA LEU B 117 -21.39 -5.13 -6.36
C LEU B 117 -21.95 -3.73 -6.66
N VAL B 118 -21.54 -2.71 -5.89
CA VAL B 118 -22.00 -1.33 -6.07
C VAL B 118 -21.45 -0.71 -7.39
N LYS B 119 -20.22 -1.06 -7.79
CA LYS B 119 -19.57 -0.58 -9.02
C LYS B 119 -20.29 -0.99 -10.31
N ASN B 120 -20.72 -2.27 -10.39
CA ASN B 120 -21.40 -2.81 -11.57
C ASN B 120 -22.84 -2.28 -11.74
N THR B 121 -23.56 -2.01 -10.61
CA THR B 121 -24.94 -1.49 -10.61
C THR B 121 -25.02 -0.12 -11.27
N LYS B 122 -26.20 0.19 -11.84
CA LYS B 122 -26.49 1.47 -12.47
C LYS B 122 -26.60 2.51 -11.37
N GLY B 123 -25.95 3.65 -11.59
CA GLY B 123 -25.95 4.77 -10.65
C GLY B 123 -25.02 4.62 -9.47
N ASN B 124 -24.26 3.49 -9.39
CA ASN B 124 -23.29 3.17 -8.32
C ASN B 124 -23.88 3.40 -6.90
N THR B 125 -25.03 2.79 -6.65
CA THR B 125 -25.78 2.91 -5.40
C THR B 125 -26.60 1.66 -5.20
N LEU B 126 -26.68 1.18 -3.96
CA LEU B 126 -27.50 0.02 -3.64
C LEU B 126 -28.78 0.49 -3.00
N LYS B 127 -29.87 -0.31 -3.15
CA LYS B 127 -31.18 -0.07 -2.54
C LYS B 127 -30.97 -0.08 -1.03
N GLU B 128 -31.68 0.78 -0.29
CA GLU B 128 -31.57 0.85 1.16
C GLU B 128 -31.75 -0.49 1.89
N ASP B 129 -32.71 -1.32 1.44
CA ASP B 129 -32.92 -2.61 2.10
C ASP B 129 -31.76 -3.58 1.83
N TRP B 130 -30.98 -3.34 0.76
CA TRP B 130 -29.77 -4.13 0.48
C TRP B 130 -28.70 -3.71 1.47
N ILE B 131 -28.55 -2.36 1.71
CA ILE B 131 -27.57 -1.79 2.65
C ILE B 131 -27.88 -2.29 4.07
N ALA B 132 -29.19 -2.33 4.46
CA ALA B 132 -29.61 -2.85 5.76
C ALA B 132 -29.20 -4.29 5.96
N TYR B 133 -29.44 -5.13 4.92
CA TYR B 133 -29.11 -6.54 4.94
C TYR B 133 -27.59 -6.75 5.03
N ILE B 134 -26.83 -6.14 4.14
CA ILE B 134 -25.37 -6.27 4.11
C ILE B 134 -24.76 -5.73 5.41
N SER B 135 -25.22 -4.56 5.89
CA SER B 135 -24.70 -3.98 7.12
C SER B 135 -24.95 -4.87 8.32
N ARG B 136 -26.11 -5.57 8.37
CA ARG B 136 -26.38 -6.47 9.49
C ARG B 136 -25.42 -7.65 9.47
N GLU B 137 -25.15 -8.18 8.28
CA GLU B 137 -24.23 -9.33 8.14
C GLU B 137 -22.81 -8.92 8.57
N ILE B 138 -22.35 -7.73 8.15
CA ILE B 138 -21.05 -7.18 8.58
C ILE B 138 -21.00 -7.13 10.11
N LEU B 139 -22.03 -6.52 10.74
CA LEU B 139 -22.11 -6.37 12.19
C LEU B 139 -22.16 -7.68 12.93
N ARG B 140 -22.81 -8.69 12.38
CA ARG B 140 -22.90 -10.02 13.02
C ARG B 140 -21.52 -10.69 12.97
N GLY B 141 -20.81 -10.50 11.86
CA GLY B 141 -19.44 -11.00 11.73
C GLY B 141 -18.55 -10.29 12.73
N LEU B 142 -18.71 -8.95 12.83
CA LEU B 142 -17.93 -8.15 13.80
C LEU B 142 -18.22 -8.51 15.22
N ALA B 143 -19.50 -8.76 15.56
CA ALA B 143 -19.89 -9.16 16.91
C ALA B 143 -19.17 -10.45 17.28
N HIS B 144 -19.05 -11.39 16.35
CA HIS B 144 -18.34 -12.64 16.59
C HIS B 144 -16.87 -12.37 16.90
N LEU B 145 -16.22 -11.49 16.12
CA LEU B 145 -14.82 -11.15 16.33
C LEU B 145 -14.61 -10.41 17.64
N HIS B 146 -15.45 -9.43 17.93
CA HIS B 146 -15.33 -8.63 19.16
C HIS B 146 -15.58 -9.42 20.43
N ILE B 147 -16.47 -10.42 20.39
CA ILE B 147 -16.74 -11.24 21.58
C ILE B 147 -15.55 -12.15 21.90
N HIS B 148 -14.68 -12.41 20.90
CA HIS B 148 -13.46 -13.21 21.02
C HIS B 148 -12.23 -12.33 21.12
N HIS B 149 -12.43 -11.03 21.48
CA HIS B 149 -11.39 -10.02 21.72
C HIS B 149 -10.52 -9.74 20.47
N VAL B 150 -11.13 -9.84 19.29
CA VAL B 150 -10.45 -9.58 18.02
C VAL B 150 -11.03 -8.33 17.39
N ILE B 151 -10.15 -7.47 16.85
CA ILE B 151 -10.50 -6.26 16.10
C ILE B 151 -10.17 -6.60 14.67
N HIS B 152 -11.10 -6.39 13.74
CA HIS B 152 -10.90 -6.68 12.34
C HIS B 152 -9.87 -5.72 11.74
N ARG B 153 -9.98 -4.41 12.02
CA ARG B 153 -9.06 -3.33 11.63
C ARG B 153 -9.14 -2.92 10.16
N ASP B 154 -9.79 -3.70 9.30
CA ASP B 154 -9.84 -3.29 7.90
C ASP B 154 -11.21 -3.51 7.25
N ILE B 155 -12.23 -2.98 7.87
CA ILE B 155 -13.58 -3.07 7.35
C ILE B 155 -13.74 -2.04 6.26
N LYS B 156 -14.14 -2.49 5.07
CA LYS B 156 -14.37 -1.67 3.87
C LYS B 156 -15.06 -2.59 2.90
N GLY B 157 -15.69 -2.02 1.90
CA GLY B 157 -16.45 -2.78 0.90
C GLY B 157 -15.65 -3.85 0.19
N GLN B 158 -14.35 -3.62 0.00
CA GLN B 158 -13.45 -4.57 -0.65
C GLN B 158 -13.27 -5.81 0.22
N ASN B 159 -13.36 -5.66 1.57
CA ASN B 159 -13.14 -6.79 2.48
C ASN B 159 -14.43 -7.46 2.94
N VAL B 160 -15.51 -7.15 2.27
CA VAL B 160 -16.80 -7.73 2.53
C VAL B 160 -17.16 -8.48 1.25
N LEU B 161 -17.17 -9.80 1.31
CA LEU B 161 -17.38 -10.63 0.13
C LEU B 161 -18.71 -11.32 0.09
N LEU B 162 -19.16 -11.61 -1.12
CA LEU B 162 -20.39 -12.34 -1.37
C LEU B 162 -20.06 -13.72 -1.92
N THR B 163 -20.87 -14.71 -1.53
CA THR B 163 -20.79 -16.07 -2.07
C THR B 163 -21.85 -16.10 -3.15
N GLU B 164 -21.86 -17.18 -3.95
CA GLU B 164 -22.86 -17.38 -5.03
C GLU B 164 -24.29 -17.48 -4.46
N ASN B 165 -24.41 -17.85 -3.17
CA ASN B 165 -25.67 -17.98 -2.43
C ASN B 165 -26.09 -16.68 -1.70
N ALA B 166 -25.53 -15.50 -2.08
CA ALA B 166 -25.70 -14.15 -1.49
C ALA B 166 -25.43 -14.09 0.03
N GLU B 167 -24.47 -14.93 0.49
CA GLU B 167 -24.02 -14.95 1.89
C GLU B 167 -22.93 -13.89 1.98
N VAL B 168 -22.99 -13.07 3.05
CA VAL B 168 -22.02 -11.99 3.25
C VAL B 168 -20.95 -12.47 4.21
N LYS B 169 -19.68 -12.35 3.81
CA LYS B 169 -18.55 -12.79 4.64
C LYS B 169 -17.43 -11.78 4.72
N LEU B 170 -16.87 -11.61 5.92
CA LEU B 170 -15.75 -10.72 6.18
C LEU B 170 -14.46 -11.45 5.83
N VAL B 171 -13.54 -10.73 5.16
CA VAL B 171 -12.22 -11.23 4.82
C VAL B 171 -11.47 -11.45 6.11
N ASP B 172 -10.89 -12.64 6.25
CA ASP B 172 -10.08 -13.01 7.41
C ASP B 172 -8.83 -13.79 6.95
N PHE B 173 -7.68 -13.10 6.85
CA PHE B 173 -6.40 -13.72 6.50
C PHE B 173 -5.52 -13.73 7.79
N GLY B 174 -6.18 -14.00 8.92
CA GLY B 174 -5.57 -14.02 10.24
C GLY B 174 -5.65 -12.65 10.88
N VAL B 175 -6.89 -12.06 10.96
CA VAL B 175 -7.11 -10.70 11.48
C VAL B 175 -6.64 -10.51 12.95
N SER B 176 -6.67 -11.58 13.76
CA SER B 176 -6.25 -11.56 15.16
C SER B 176 -4.84 -10.99 15.34
N ALA B 177 -3.89 -11.40 14.48
CA ALA B 177 -2.51 -10.93 14.52
C ALA B 177 -2.05 -10.16 13.26
N GLN B 178 -3.00 -9.80 12.38
CA GLN B 178 -2.76 -8.99 11.16
C GLN B 178 -1.53 -9.46 10.39
N LEU B 179 -1.51 -10.76 10.11
CA LEU B 179 -0.42 -11.46 9.46
C LEU B 179 -0.13 -10.95 8.05
N ASP B 180 -1.16 -10.39 7.36
CA ASP B 180 -1.10 -9.85 6.01
C ASP B 180 -0.78 -8.35 5.92
N ARG B 181 -0.55 -7.67 7.07
CA ARG B 181 -0.26 -6.24 7.09
C ARG B 181 1.05 -5.91 7.81
N THR B 182 1.69 -6.92 8.41
CA THR B 182 2.89 -6.73 9.22
C THR B 182 4.19 -7.23 8.59
N VAL B 183 4.12 -8.04 7.52
CA VAL B 183 5.34 -8.55 6.88
C VAL B 183 5.34 -8.26 5.39
N GLY B 184 6.53 -8.30 4.78
CA GLY B 184 6.76 -8.05 3.36
C GLY B 184 6.94 -6.58 3.01
N ARG B 185 7.38 -5.77 4.01
CA ARG B 185 7.56 -4.30 3.97
C ARG B 185 6.21 -3.55 3.89
N ARG B 186 5.09 -4.31 3.82
CA ARG B 186 3.70 -3.85 3.78
C ARG B 186 3.41 -3.03 5.02
N ASN B 187 4.02 -3.45 6.16
CA ASN B 187 3.94 -2.81 7.47
C ASN B 187 4.37 -1.35 7.45
N THR B 188 5.26 -0.96 6.51
CA THR B 188 5.78 0.41 6.40
C THR B 188 4.84 1.35 5.62
N PHE B 189 3.80 0.80 4.99
CA PHE B 189 2.83 1.53 4.20
C PHE B 189 1.66 1.97 5.05
N ILE B 190 1.22 3.21 4.89
CA ILE B 190 0.06 3.71 5.63
C ILE B 190 -1.28 3.11 5.12
N GLY B 191 -1.43 2.90 3.82
CA GLY B 191 -2.63 2.28 3.23
C GLY B 191 -3.67 3.31 2.89
N THR B 192 -4.85 2.88 2.45
CA THR B 192 -5.94 3.79 2.10
C THR B 192 -6.56 4.35 3.39
N PRO B 193 -6.76 5.67 3.50
CA PRO B 193 -7.26 6.21 4.76
C PRO B 193 -8.78 6.36 4.92
N TYR B 194 -9.56 6.24 3.85
CA TYR B 194 -10.96 6.64 3.82
C TYR B 194 -11.89 5.88 4.78
N TRP B 195 -11.56 4.65 5.19
CA TRP B 195 -12.42 3.88 6.13
C TRP B 195 -11.90 3.92 7.54
N MET B 196 -10.78 4.65 7.74
CA MET B 196 -10.13 4.76 9.04
C MET B 196 -10.91 5.64 9.99
N ALA B 197 -11.06 5.17 11.23
CA ALA B 197 -11.72 5.90 12.30
C ALA B 197 -10.77 7.03 12.77
N PRO B 198 -11.30 8.14 13.32
CA PRO B 198 -10.43 9.23 13.78
C PRO B 198 -9.33 8.79 14.75
N GLU B 199 -9.62 7.90 15.73
CA GLU B 199 -8.66 7.44 16.74
C GLU B 199 -7.46 6.67 16.18
N VAL B 200 -7.60 6.08 15.00
CA VAL B 200 -6.52 5.28 14.42
C VAL B 200 -5.51 6.20 13.62
N ILE B 201 -5.83 7.50 13.50
CA ILE B 201 -5.00 8.49 12.80
C ILE B 201 -4.27 9.33 13.81
N ALA B 202 -2.94 9.23 13.86
CA ALA B 202 -2.15 10.02 14.81
C ALA B 202 -2.11 11.45 14.36
N CYS B 203 -2.64 12.33 15.19
CA CYS B 203 -2.70 13.75 14.94
C CYS B 203 -2.32 14.45 16.24
N ASP B 204 -2.17 15.76 16.20
CA ASP B 204 -1.70 16.58 17.31
C ASP B 204 -2.36 16.23 18.66
N GLU B 205 -3.70 16.10 18.69
CA GLU B 205 -4.48 15.74 19.89
C GLU B 205 -4.49 14.24 20.22
N ASN B 206 -4.15 13.39 19.25
CA ASN B 206 -4.09 11.94 19.43
C ASN B 206 -2.69 11.42 18.99
N PRO B 207 -1.60 11.72 19.74
CA PRO B 207 -0.24 11.30 19.32
C PRO B 207 -0.02 9.80 19.16
N ASP B 208 -0.72 8.99 19.95
CA ASP B 208 -0.63 7.54 19.88
C ASP B 208 -1.97 6.94 19.38
N ALA B 209 -1.94 6.27 18.21
CA ALA B 209 -3.11 5.61 17.63
C ALA B 209 -3.71 4.62 18.62
N THR B 210 -5.03 4.66 18.77
CA THR B 210 -5.73 3.76 19.70
C THR B 210 -6.78 2.86 19.00
N TYR B 211 -6.34 1.75 18.37
CA TYR B 211 -7.24 0.76 17.76
C TYR B 211 -8.06 0.11 18.88
N ASP B 212 -9.39 0.16 18.73
CA ASP B 212 -10.38 -0.35 19.68
C ASP B 212 -11.38 -1.12 18.83
N TYR B 213 -12.19 -2.05 19.42
CA TYR B 213 -13.23 -2.77 18.69
C TYR B 213 -14.18 -1.79 17.99
N ARG B 214 -14.44 -0.63 18.59
CA ARG B 214 -15.33 0.38 18.05
C ARG B 214 -14.80 1.07 16.80
N SER B 215 -13.50 0.97 16.51
CA SER B 215 -12.93 1.49 15.26
C SER B 215 -13.56 0.71 14.10
N ASP B 216 -13.94 -0.57 14.32
CA ASP B 216 -14.58 -1.34 13.24
C ASP B 216 -15.98 -0.81 12.91
N LEU B 217 -16.62 -0.19 13.91
CA LEU B 217 -17.98 0.33 13.75
C LEU B 217 -17.96 1.60 12.95
N TRP B 218 -16.94 2.45 13.16
CA TRP B 218 -16.78 3.63 12.31
C TRP B 218 -16.64 3.14 10.88
N SER B 219 -15.74 2.16 10.62
CA SER B 219 -15.51 1.57 9.28
C SER B 219 -16.79 1.03 8.68
N CYS B 220 -17.63 0.37 9.50
N CYS B 220 -17.66 0.41 9.52
CA CYS B 220 -18.97 -0.13 9.08
CA CYS B 220 -19.01 -0.08 9.15
C CYS B 220 -19.88 1.01 8.57
C CYS B 220 -19.84 1.03 8.54
N GLY B 221 -19.85 2.18 9.22
CA GLY B 221 -20.65 3.33 8.79
C GLY B 221 -20.17 3.89 7.48
N ILE B 222 -18.83 3.95 7.27
CA ILE B 222 -18.20 4.40 6.01
C ILE B 222 -18.55 3.39 4.90
N THR B 223 -18.58 2.08 5.24
CA THR B 223 -18.95 1.03 4.28
C THR B 223 -20.43 1.19 3.83
N ALA B 224 -21.32 1.65 4.76
CA ALA B 224 -22.73 1.87 4.45
C ALA B 224 -22.87 3.08 3.53
N ILE B 225 -22.06 4.12 3.74
CA ILE B 225 -22.01 5.30 2.86
C ILE B 225 -21.48 4.87 1.49
N GLU B 226 -20.43 4.05 1.48
CA GLU B 226 -19.84 3.52 0.25
C GLU B 226 -20.91 2.73 -0.56
N MET B 227 -21.74 1.93 0.10
CA MET B 227 -22.82 1.17 -0.58
C MET B 227 -23.91 2.10 -1.14
N ALA B 228 -24.18 3.22 -0.45
CA ALA B 228 -25.21 4.17 -0.85
C ALA B 228 -24.77 5.11 -1.96
N GLU B 229 -23.48 5.44 -1.99
CA GLU B 229 -22.97 6.47 -2.91
C GLU B 229 -21.98 5.95 -3.92
N GLY B 230 -21.41 4.78 -3.64
CA GLY B 230 -20.45 4.13 -4.52
C GLY B 230 -19.00 4.41 -4.17
N ALA B 231 -18.79 5.28 -3.17
CA ALA B 231 -17.47 5.68 -2.75
C ALA B 231 -17.54 6.21 -1.32
N PRO B 232 -16.46 6.10 -0.55
CA PRO B 232 -16.48 6.63 0.83
C PRO B 232 -16.47 8.16 0.84
N PRO B 233 -16.81 8.83 1.97
CA PRO B 233 -16.67 10.30 2.02
C PRO B 233 -15.20 10.68 1.79
N LEU B 234 -14.96 11.91 1.27
CA LEU B 234 -13.61 12.42 1.01
C LEU B 234 -12.83 11.65 -0.09
N CYS B 235 -13.52 10.77 -0.86
CA CYS B 235 -12.94 9.97 -1.97
C CYS B 235 -12.26 10.85 -3.03
N ASP B 236 -12.81 12.04 -3.27
CA ASP B 236 -12.32 13.03 -4.25
C ASP B 236 -11.05 13.75 -3.76
N MET B 237 -10.64 13.51 -2.52
CA MET B 237 -9.46 14.18 -1.98
C MET B 237 -8.24 13.33 -2.00
N HIS B 238 -7.08 13.99 -1.94
CA HIS B 238 -5.80 13.30 -1.89
C HIS B 238 -5.78 12.50 -0.56
N PRO B 239 -5.38 11.22 -0.58
CA PRO B 239 -5.37 10.41 0.67
C PRO B 239 -4.72 11.10 1.87
N MET B 240 -3.67 11.88 1.62
CA MET B 240 -2.93 12.64 2.63
C MET B 240 -3.80 13.75 3.21
N ARG B 241 -4.60 14.41 2.35
CA ARG B 241 -5.54 15.46 2.79
C ARG B 241 -6.68 14.83 3.63
N ALA B 242 -7.26 13.71 3.15
CA ALA B 242 -8.32 12.96 3.83
C ALA B 242 -7.88 12.51 5.22
N LEU B 243 -6.62 12.07 5.33
CA LEU B 243 -5.98 11.66 6.59
C LEU B 243 -5.95 12.82 7.58
N PHE B 244 -5.77 14.05 7.10
CA PHE B 244 -5.77 15.25 7.94
C PHE B 244 -7.21 15.63 8.31
N LEU B 245 -8.15 15.46 7.39
CA LEU B 245 -9.52 15.88 7.61
C LEU B 245 -10.37 14.94 8.45
N ILE B 246 -10.14 13.63 8.39
CA ILE B 246 -10.97 12.70 9.16
C ILE B 246 -11.03 13.04 10.68
N PRO B 247 -9.91 13.26 11.41
CA PRO B 247 -10.03 13.56 12.84
C PRO B 247 -10.55 14.98 13.14
N ARG B 248 -10.58 15.85 12.13
CA ARG B 248 -11.01 17.26 12.23
C ARG B 248 -12.43 17.52 11.81
N ASN B 249 -12.87 16.87 10.74
CA ASN B 249 -14.21 17.05 10.21
C ASN B 249 -15.28 16.51 11.15
N PRO B 250 -16.49 17.14 11.18
CA PRO B 250 -17.59 16.53 11.94
C PRO B 250 -17.88 15.15 11.30
N PRO B 251 -18.66 14.24 11.93
CA PRO B 251 -18.88 12.94 11.29
C PRO B 251 -19.41 13.06 9.86
N PRO B 252 -18.92 12.24 8.90
CA PRO B 252 -19.46 12.28 7.52
C PRO B 252 -20.97 12.02 7.49
N ARG B 253 -21.64 12.54 6.46
CA ARG B 253 -23.09 12.34 6.27
C ARG B 253 -23.37 11.92 4.83
N LEU B 254 -24.52 11.28 4.61
CA LEU B 254 -24.99 10.94 3.26
C LEU B 254 -25.28 12.28 2.54
N LYS B 255 -24.91 12.38 1.25
CA LYS B 255 -25.08 13.60 0.47
C LYS B 255 -26.54 13.88 0.12
N SER B 256 -27.29 12.83 -0.23
CA SER B 256 -28.68 12.90 -0.65
C SER B 256 -29.64 12.87 0.53
N LYS B 257 -30.84 13.46 0.33
CA LYS B 257 -31.94 13.52 1.31
C LYS B 257 -32.97 12.40 1.06
N LYS B 258 -32.78 11.62 -0.02
CA LYS B 258 -33.67 10.53 -0.41
C LYS B 258 -33.84 9.44 0.63
N TRP B 259 -32.77 9.16 1.39
CA TRP B 259 -32.69 8.07 2.37
C TRP B 259 -33.66 8.20 3.50
N SER B 260 -34.04 7.06 4.09
CA SER B 260 -34.97 7.03 5.20
C SER B 260 -34.31 7.64 6.45
N LYS B 261 -35.15 8.06 7.42
CA LYS B 261 -34.72 8.61 8.69
C LYS B 261 -33.93 7.55 9.50
N LYS B 262 -34.28 6.27 9.35
CA LYS B 262 -33.60 5.15 10.03
C LYS B 262 -32.19 5.00 9.50
N PHE B 263 -32.01 5.13 8.16
CA PHE B 263 -30.70 5.01 7.55
C PHE B 263 -29.80 6.15 7.98
N PHE B 264 -30.30 7.39 8.01
CA PHE B 264 -29.54 8.54 8.52
C PHE B 264 -29.13 8.29 9.95
N SER B 265 -30.06 7.78 10.75
CA SER B 265 -29.84 7.45 12.15
C SER B 265 -28.75 6.42 12.33
N PHE B 266 -28.74 5.36 11.49
CA PHE B 266 -27.73 4.29 11.51
C PHE B 266 -26.33 4.84 11.27
N ILE B 267 -26.18 5.69 10.23
CA ILE B 267 -24.92 6.30 9.86
C ILE B 267 -24.40 7.11 11.02
N GLU B 268 -25.28 7.94 11.60
CA GLU B 268 -24.91 8.80 12.71
C GLU B 268 -24.50 7.96 13.95
N GLY B 269 -25.12 6.79 14.10
CA GLY B 269 -24.79 5.85 15.19
C GLY B 269 -23.38 5.29 15.06
N CYS B 270 -22.99 4.88 13.83
CA CYS B 270 -21.66 4.34 13.60
C CYS B 270 -20.63 5.43 13.71
N LEU B 271 -20.93 6.54 13.05
CA LEU B 271 -19.97 7.58 12.89
C LEU B 271 -19.92 8.56 14.05
N VAL B 272 -19.84 8.07 15.29
CA VAL B 272 -19.64 8.97 16.42
C VAL B 272 -18.14 9.25 16.43
N LYS B 273 -17.75 10.52 16.38
CA LYS B 273 -16.36 10.95 16.33
C LYS B 273 -15.47 10.40 17.43
N ASN B 274 -15.88 10.53 18.68
CA ASN B 274 -15.12 10.04 19.81
C ASN B 274 -15.52 8.58 20.03
N TYR B 275 -14.56 7.64 19.84
CA TYR B 275 -14.77 6.19 19.96
C TYR B 275 -15.30 5.76 21.33
N MET B 276 -15.02 6.57 22.38
CA MET B 276 -15.45 6.33 23.78
C MET B 276 -16.96 6.46 23.91
N GLN B 277 -17.51 7.24 22.98
CA GLN B 277 -18.92 7.52 22.92
C GLN B 277 -19.61 6.83 21.74
N ARG B 278 -18.92 5.91 21.06
CA ARG B 278 -19.51 5.17 19.92
C ARG B 278 -20.20 3.89 20.43
N PRO B 279 -21.36 3.50 19.91
CA PRO B 279 -21.99 2.28 20.43
C PRO B 279 -21.14 1.03 20.12
N SER B 280 -21.43 -0.08 20.81
CA SER B 280 -20.82 -1.37 20.60
C SER B 280 -21.56 -2.05 19.47
N THR B 281 -21.07 -3.24 19.05
CA THR B 281 -21.68 -4.02 17.98
C THR B 281 -23.08 -4.45 18.34
N GLU B 282 -23.30 -4.90 19.58
CA GLU B 282 -24.60 -5.39 20.09
C GLU B 282 -25.65 -4.30 20.07
N GLN B 283 -25.28 -3.09 20.52
CA GLN B 283 -26.19 -1.95 20.56
C GLN B 283 -26.58 -1.52 19.15
N LEU B 284 -25.62 -1.54 18.19
CA LEU B 284 -25.94 -1.21 16.80
C LEU B 284 -26.71 -2.32 16.09
N LEU B 285 -26.59 -3.57 16.55
CA LEU B 285 -27.37 -4.69 16.01
C LEU B 285 -28.86 -4.51 16.35
N LYS B 286 -29.16 -3.72 17.40
CA LYS B 286 -30.53 -3.41 17.84
C LYS B 286 -31.09 -2.14 17.16
N HIS B 287 -30.23 -1.38 16.45
CA HIS B 287 -30.68 -0.18 15.76
C HIS B 287 -31.83 -0.53 14.81
N PRO B 288 -32.91 0.29 14.76
CA PRO B 288 -34.04 -0.03 13.88
C PRO B 288 -33.70 -0.33 12.43
N PHE B 289 -32.69 0.38 11.86
CA PHE B 289 -32.25 0.15 10.47
C PHE B 289 -31.74 -1.28 10.27
N ILE B 290 -31.10 -1.84 11.28
CA ILE B 290 -30.52 -3.19 11.26
C ILE B 290 -31.50 -4.26 11.75
N ARG B 291 -32.19 -3.99 12.84
CA ARG B 291 -33.12 -4.89 13.51
C ARG B 291 -34.39 -5.18 12.71
N ASP B 292 -35.02 -4.12 12.13
CA ASP B 292 -36.28 -4.18 11.40
C ASP B 292 -36.10 -4.27 9.89
N GLN B 293 -36.09 -5.50 9.38
CA GLN B 293 -35.90 -5.76 7.96
C GLN B 293 -37.06 -6.63 7.41
N PRO B 294 -38.22 -5.99 7.09
CA PRO B 294 -39.39 -6.76 6.64
C PRO B 294 -39.21 -7.48 5.31
N ASN B 295 -38.52 -6.86 4.35
CA ASN B 295 -38.27 -7.42 3.01
C ASN B 295 -36.98 -8.24 2.90
N GLU B 296 -36.46 -8.77 4.03
CA GLU B 296 -35.23 -9.56 4.08
C GLU B 296 -35.22 -10.72 3.06
N ARG B 297 -36.31 -11.51 3.00
CA ARG B 297 -36.46 -12.65 2.09
C ARG B 297 -36.31 -12.20 0.66
N GLN B 298 -37.02 -11.13 0.28
CA GLN B 298 -36.93 -10.61 -1.09
C GLN B 298 -35.55 -10.06 -1.41
N VAL B 299 -34.90 -9.33 -0.46
CA VAL B 299 -33.54 -8.78 -0.61
C VAL B 299 -32.55 -9.89 -0.94
N ARG B 300 -32.58 -10.99 -0.14
CA ARG B 300 -31.77 -12.20 -0.27
C ARG B 300 -31.94 -12.86 -1.66
N ILE B 301 -33.17 -12.81 -2.22
CA ILE B 301 -33.51 -13.33 -3.54
C ILE B 301 -32.99 -12.36 -4.61
N GLN B 302 -33.21 -11.04 -4.42
CA GLN B 302 -32.76 -9.98 -5.33
C GLN B 302 -31.25 -9.99 -5.49
N LEU B 303 -30.51 -10.26 -4.39
CA LEU B 303 -29.06 -10.33 -4.39
C LEU B 303 -28.57 -11.55 -5.14
N LYS B 304 -29.16 -12.73 -4.84
CA LYS B 304 -28.85 -14.01 -5.51
C LYS B 304 -29.07 -13.87 -7.02
N ASP B 305 -30.16 -13.21 -7.42
CA ASP B 305 -30.50 -12.94 -8.81
C ASP B 305 -29.52 -11.95 -9.46
N HIS B 306 -29.07 -10.91 -8.72
CA HIS B 306 -28.10 -9.92 -9.21
C HIS B 306 -26.75 -10.59 -9.50
N ILE B 307 -26.28 -11.45 -8.58
CA ILE B 307 -25.02 -12.21 -8.68
C ILE B 307 -25.03 -13.10 -9.93
N ASP B 308 -26.15 -13.84 -10.14
CA ASP B 308 -26.33 -14.75 -11.26
C ASP B 308 -26.28 -14.05 -12.62
N ARG B 309 -27.06 -12.96 -12.80
CA ARG B 309 -27.10 -12.19 -14.05
C ARG B 309 -25.79 -11.42 -14.33
N THR B 310 -24.96 -11.15 -13.29
CA THR B 310 -23.66 -10.51 -13.44
C THR B 310 -22.63 -11.54 -13.96
N ARG B 311 -22.74 -12.80 -13.51
CA ARG B 311 -21.87 -13.91 -13.91
C ARG B 311 -21.97 -14.23 -15.42
N LYS B 312 -23.19 -14.32 -15.96
CA LYS B 312 -23.45 -14.62 -17.37
C LYS B 312 -23.20 -13.40 -18.25
#